data_5Y79
#
_entry.id   5Y79
#
_cell.length_a   107.050
_cell.length_b   165.330
_cell.length_c   41.140
_cell.angle_alpha   90.00
_cell.angle_beta   90.00
_cell.angle_gamma   90.00
#
_symmetry.space_group_name_H-M   'P 21 21 2'
#
loop_
_entity.id
_entity.type
_entity.pdbx_description
1 polymer 'Putative hexose phosphate translocator'
2 non-polymer '(2R)-2,3-dihydroxypropyl (9Z)-octadec-9-enoate'
3 non-polymer '3-PHOSPHOGLYCERIC ACID'
4 non-polymer 'CITRATE ANION'
5 water water
#
_entity_poly.entity_id   1
_entity_poly.type   'polypeptide(L)'
_entity_poly.pdbx_seq_one_letter_code
;MSPQKSSVGVSPTLVHTLKVGFYFFLWYFFNFIFNIANKRTLNMWKYPWVLSTIQLGVGALYCTFLWVLGLRTKPNVSKK
LIKALIWPSLGHTLGHAATCMSFSLVAISFTHVVKSAEPVFGAVGSALVLGEFFHPLTYLTLVPIVSGVALSAATELTFT
WTGFITAMISNVAFVTRNITSKFTMVDFKNEKTLIAQNTYALITIISFFMELPFALLMEGFPPLVSAIAGVSKAKLFGSI
MFCSLFYHLYNEVSYLCLDNVSPVSFSIGNTIKRVIIIFGSILVFRTPVTRLNFIGSTIAIIGTMLYSLAKAKLPSKREK
QGTENLYFQ
;
_entity_poly.pdbx_strand_id   A,B
#
# COMPACT_ATOMS: atom_id res chain seq x y z
N SER A 11 -42.13 -6.61 -12.06
CA SER A 11 -41.49 -7.38 -13.13
C SER A 11 -40.69 -6.49 -14.13
N PRO A 12 -41.31 -5.43 -14.69
CA PRO A 12 -40.54 -4.60 -15.65
C PRO A 12 -39.22 -4.07 -15.11
N THR A 13 -39.19 -3.66 -13.83
CA THR A 13 -37.92 -3.28 -13.22
C THR A 13 -36.93 -4.43 -13.25
N LEU A 14 -37.43 -5.66 -13.05
CA LEU A 14 -36.54 -6.82 -13.05
C LEU A 14 -36.02 -7.14 -14.45
N VAL A 15 -36.87 -6.99 -15.48
CA VAL A 15 -36.40 -7.28 -16.84
C VAL A 15 -35.44 -6.19 -17.31
N HIS A 16 -35.57 -4.97 -16.79
CA HIS A 16 -34.59 -3.94 -17.10
C HIS A 16 -33.23 -4.29 -16.52
N THR A 17 -33.20 -4.69 -15.25
CA THR A 17 -31.96 -5.15 -14.63
C THR A 17 -31.41 -6.39 -15.34
N LEU A 18 -32.31 -7.25 -15.84
CA LEU A 18 -31.85 -8.38 -16.66
C LEU A 18 -31.31 -7.91 -18.00
N LYS A 19 -31.85 -6.82 -18.55
CA LYS A 19 -31.27 -6.26 -19.77
C LYS A 19 -29.90 -5.65 -19.50
N VAL A 20 -29.76 -4.93 -18.38
CA VAL A 20 -28.47 -4.37 -18.00
C VAL A 20 -27.48 -5.47 -17.66
N GLY A 21 -27.93 -6.47 -16.90
CA GLY A 21 -27.07 -7.60 -16.59
C GLY A 21 -26.58 -8.32 -17.84
N PHE A 22 -27.42 -8.37 -18.87
CA PHE A 22 -27.02 -9.00 -20.12
C PHE A 22 -25.91 -8.22 -20.82
N TYR A 23 -25.92 -6.89 -20.71
CA TYR A 23 -24.78 -6.10 -21.18
C TYR A 23 -23.50 -6.52 -20.45
N PHE A 24 -23.59 -6.74 -19.14
CA PHE A 24 -22.40 -7.14 -18.37
C PHE A 24 -21.89 -8.50 -18.83
N PHE A 25 -22.79 -9.45 -19.06
CA PHE A 25 -22.40 -10.75 -19.56
C PHE A 25 -21.67 -10.62 -20.90
N LEU A 26 -22.24 -9.87 -21.83
CA LEU A 26 -21.61 -9.65 -23.13
C LEU A 26 -20.23 -9.03 -22.96
N TRP A 27 -20.13 -8.03 -22.09
CA TRP A 27 -18.84 -7.43 -21.75
C TRP A 27 -17.84 -8.50 -21.31
N TYR A 28 -18.25 -9.35 -20.35
CA TYR A 28 -17.35 -10.39 -19.86
C TYR A 28 -17.04 -11.41 -20.95
N PHE A 29 -18.05 -11.78 -21.74
CA PHE A 29 -17.88 -12.82 -22.75
C PHE A 29 -16.93 -12.36 -23.86
N PHE A 30 -17.16 -11.16 -24.40
CA PHE A 30 -16.25 -10.63 -25.41
C PHE A 30 -14.85 -10.42 -24.85
N ASN A 31 -14.76 -10.01 -23.59
CA ASN A 31 -13.46 -9.72 -23.00
C ASN A 31 -12.64 -10.99 -22.80
N PHE A 32 -13.30 -12.10 -22.46
CA PHE A 32 -12.56 -13.36 -22.33
C PHE A 32 -12.08 -13.85 -23.69
N ILE A 33 -12.92 -13.79 -24.71
CA ILE A 33 -12.48 -14.16 -26.05
C ILE A 33 -11.33 -13.27 -26.49
N PHE A 34 -11.40 -11.97 -26.15
CA PHE A 34 -10.31 -11.07 -26.51
C PHE A 34 -9.02 -11.45 -25.80
N ASN A 35 -9.07 -11.64 -24.47
CA ASN A 35 -7.86 -11.86 -23.71
C ASN A 35 -7.09 -13.09 -24.20
N ILE A 36 -7.80 -14.18 -24.46
CA ILE A 36 -7.15 -15.40 -24.95
C ILE A 36 -6.50 -15.14 -26.29
N ALA A 37 -7.25 -14.58 -27.25
CA ALA A 37 -6.71 -14.34 -28.57
C ALA A 37 -5.60 -13.29 -28.55
N ASN A 38 -5.74 -12.28 -27.70
CA ASN A 38 -4.72 -11.24 -27.62
C ASN A 38 -3.39 -11.79 -27.11
N LYS A 39 -3.43 -12.64 -26.09
CA LYS A 39 -2.20 -13.22 -25.56
C LYS A 39 -1.58 -14.17 -26.57
N ARG A 40 -2.41 -14.95 -27.27
CA ARG A 40 -1.89 -15.82 -28.33
C ARG A 40 -1.27 -15.01 -29.46
N THR A 41 -1.80 -13.82 -29.75
CA THR A 41 -1.18 -12.96 -30.75
C THR A 41 0.17 -12.46 -30.26
N LEU A 42 0.24 -11.99 -29.01
CA LEU A 42 1.49 -11.48 -28.48
C LEU A 42 2.56 -12.58 -28.36
N ASN A 43 2.14 -13.83 -28.15
CA ASN A 43 3.11 -14.92 -28.03
C ASN A 43 3.89 -15.15 -29.32
N MET A 44 3.28 -14.91 -30.47
CA MET A 44 3.98 -15.07 -31.74
C MET A 44 4.28 -13.74 -32.42
N TRP A 45 3.85 -12.62 -31.83
CA TRP A 45 4.11 -11.31 -32.43
C TRP A 45 4.23 -10.25 -31.34
N LYS A 46 5.39 -10.19 -30.70
CA LYS A 46 5.59 -9.40 -29.49
C LYS A 46 5.82 -7.93 -29.86
N TYR A 47 4.72 -7.24 -30.20
CA TYR A 47 4.76 -5.81 -30.50
C TYR A 47 3.57 -5.13 -29.83
N PRO A 48 3.67 -4.88 -28.52
CA PRO A 48 2.49 -4.33 -27.81
C PRO A 48 2.06 -2.96 -28.31
N TRP A 49 3.00 -2.08 -28.65
CA TRP A 49 2.63 -0.74 -29.12
C TRP A 49 1.85 -0.81 -30.42
N VAL A 50 2.35 -1.56 -31.40
CA VAL A 50 1.69 -1.61 -32.71
C VAL A 50 0.40 -2.41 -32.63
N LEU A 51 0.40 -3.53 -31.90
CA LEU A 51 -0.82 -4.33 -31.79
C LEU A 51 -1.94 -3.54 -31.12
N SER A 52 -1.63 -2.83 -30.02
CA SER A 52 -2.66 -2.07 -29.34
C SER A 52 -3.16 -0.92 -30.22
N THR A 53 -2.26 -0.31 -31.01
CA THR A 53 -2.67 0.71 -31.95
C THR A 53 -3.59 0.15 -33.05
N ILE A 54 -3.25 -1.04 -33.56
CA ILE A 54 -4.09 -1.68 -34.57
C ILE A 54 -5.48 -1.95 -34.01
N GLN A 55 -5.55 -2.37 -32.74
CA GLN A 55 -6.84 -2.68 -32.13
C GLN A 55 -7.74 -1.45 -32.09
N LEU A 56 -7.16 -0.28 -31.77
CA LEU A 56 -7.94 0.95 -31.81
C LEU A 56 -8.34 1.31 -33.24
N GLY A 57 -7.45 1.09 -34.20
CA GLY A 57 -7.76 1.40 -35.58
C GLY A 57 -8.87 0.52 -36.15
N VAL A 58 -8.84 -0.78 -35.83
CA VAL A 58 -9.89 -1.68 -36.28
C VAL A 58 -11.24 -1.25 -35.71
N GLY A 59 -11.26 -0.88 -34.43
CA GLY A 59 -12.49 -0.38 -33.83
C GLY A 59 -12.92 0.93 -34.43
N ALA A 60 -11.97 1.82 -34.70
CA ALA A 60 -12.30 3.09 -35.34
C ALA A 60 -12.91 2.86 -36.72
N LEU A 61 -12.30 1.99 -37.53
CA LEU A 61 -12.83 1.68 -38.84
C LEU A 61 -14.23 1.06 -38.74
N TYR A 62 -14.38 0.08 -37.84
CA TYR A 62 -15.68 -0.57 -37.65
C TYR A 62 -16.77 0.44 -37.33
N CYS A 63 -16.46 1.45 -36.52
CA CYS A 63 -17.47 2.42 -36.11
C CYS A 63 -17.86 3.34 -37.26
N THR A 64 -16.88 3.77 -38.07
CA THR A 64 -17.21 4.65 -39.18
C THR A 64 -18.09 3.95 -40.21
N PHE A 65 -17.84 2.66 -40.46
CA PHE A 65 -18.67 1.90 -41.38
C PHE A 65 -20.11 1.85 -40.90
N LEU A 66 -20.31 1.67 -39.59
CA LEU A 66 -21.67 1.68 -39.05
C LEU A 66 -22.36 3.02 -39.30
N TRP A 67 -21.64 4.12 -39.10
CA TRP A 67 -22.19 5.44 -39.39
C TRP A 67 -22.46 5.59 -40.90
N VAL A 68 -21.48 5.25 -41.73
CA VAL A 68 -21.62 5.39 -43.18
C VAL A 68 -22.84 4.62 -43.67
N LEU A 69 -22.96 3.35 -43.25
CA LEU A 69 -24.08 2.53 -43.67
C LEU A 69 -25.40 2.93 -43.02
N GLY A 70 -25.39 3.90 -42.11
CA GLY A 70 -26.58 4.24 -41.37
C GLY A 70 -27.06 3.15 -40.44
N LEU A 71 -26.17 2.23 -40.03
CA LEU A 71 -26.54 1.20 -39.07
C LEU A 71 -26.47 1.69 -37.63
N ARG A 72 -25.80 2.82 -37.39
CA ARG A 72 -25.74 3.44 -36.08
C ARG A 72 -25.96 4.94 -36.24
N THR A 73 -26.76 5.52 -35.35
CA THR A 73 -27.01 6.94 -35.36
C THR A 73 -25.71 7.71 -35.39
N LYS A 74 -25.63 8.71 -36.25
CA LYS A 74 -24.43 9.53 -36.35
C LYS A 74 -24.42 10.56 -35.23
N PRO A 75 -23.31 10.73 -34.53
CA PRO A 75 -23.28 11.70 -33.43
C PRO A 75 -23.25 13.13 -33.94
N ASN A 76 -23.92 14.01 -33.21
CA ASN A 76 -23.87 15.45 -33.46
C ASN A 76 -22.56 15.96 -32.88
N VAL A 77 -21.52 15.94 -33.71
CA VAL A 77 -20.18 16.25 -33.27
C VAL A 77 -20.00 17.76 -33.20
N SER A 78 -19.39 18.23 -32.09
CA SER A 78 -19.16 19.65 -31.89
C SER A 78 -17.79 19.83 -31.24
N LYS A 79 -17.29 21.07 -31.29
CA LYS A 79 -16.00 21.37 -30.67
C LYS A 79 -16.06 21.18 -29.16
N LYS A 80 -17.21 21.47 -28.56
CA LYS A 80 -17.37 21.25 -27.11
C LYS A 80 -17.28 19.77 -26.78
N LEU A 81 -17.82 18.91 -27.65
CA LEU A 81 -17.80 17.48 -27.37
C LEU A 81 -16.39 16.91 -27.52
N ILE A 82 -15.67 17.33 -28.57
CA ILE A 82 -14.30 16.84 -28.77
C ILE A 82 -13.42 17.25 -27.59
N LYS A 83 -13.57 18.49 -27.12
CA LYS A 83 -12.81 18.94 -25.97
C LYS A 83 -13.11 18.08 -24.74
N ALA A 84 -14.37 17.71 -24.54
CA ALA A 84 -14.80 16.91 -23.40
C ALA A 84 -14.44 15.44 -23.54
N LEU A 85 -13.88 15.03 -24.67
CA LEU A 85 -13.47 13.65 -24.89
C LEU A 85 -11.95 13.49 -24.96
N ILE A 86 -11.20 14.58 -24.81
CA ILE A 86 -9.74 14.47 -24.83
C ILE A 86 -9.23 13.70 -23.63
N TRP A 87 -9.74 14.02 -22.43
CA TRP A 87 -9.28 13.34 -21.23
C TRP A 87 -9.77 11.90 -21.20
N PRO A 88 -11.03 11.61 -21.58
CA PRO A 88 -11.39 10.19 -21.74
C PRO A 88 -10.48 9.44 -22.70
N SER A 89 -10.03 10.08 -23.78
CA SER A 89 -9.18 9.42 -24.75
C SER A 89 -7.73 9.34 -24.28
N LEU A 90 -7.25 10.36 -23.57
CA LEU A 90 -5.94 10.28 -22.94
C LEU A 90 -5.87 9.11 -21.97
N GLY A 91 -6.90 8.96 -21.13
CA GLY A 91 -6.91 7.85 -20.19
C GLY A 91 -7.03 6.51 -20.88
N HIS A 92 -7.87 6.43 -21.92
CA HIS A 92 -8.03 5.19 -22.65
C HIS A 92 -6.73 4.79 -23.35
N THR A 93 -6.09 5.74 -24.03
CA THR A 93 -4.85 5.45 -24.73
C THR A 93 -3.77 4.96 -23.78
N LEU A 94 -3.59 5.65 -22.66
CA LEU A 94 -2.53 5.28 -21.73
C LEU A 94 -2.80 3.93 -21.10
N GLY A 95 -4.03 3.70 -20.65
CA GLY A 95 -4.36 2.40 -20.06
C GLY A 95 -4.27 1.27 -21.06
N HIS A 96 -4.65 1.54 -22.31
CA HIS A 96 -4.59 0.52 -23.35
C HIS A 96 -3.15 0.13 -23.65
N ALA A 97 -2.28 1.12 -23.88
CA ALA A 97 -0.89 0.84 -24.18
C ALA A 97 -0.18 0.20 -22.98
N ALA A 98 -0.47 0.67 -21.77
CA ALA A 98 0.18 0.11 -20.60
C ALA A 98 -0.24 -1.35 -20.38
N THR A 99 -1.54 -1.64 -20.50
CA THR A 99 -1.99 -3.00 -20.25
C THR A 99 -1.48 -3.97 -21.30
N CYS A 100 -1.45 -3.53 -22.57
CA CYS A 100 -0.90 -4.37 -23.62
C CYS A 100 0.59 -4.65 -23.38
N MET A 101 1.34 -3.64 -22.94
CA MET A 101 2.72 -3.86 -22.58
C MET A 101 2.85 -4.89 -21.46
N SER A 102 2.00 -4.77 -20.44
CA SER A 102 1.97 -5.76 -19.36
C SER A 102 1.64 -7.14 -19.89
N PHE A 103 0.61 -7.24 -20.74
CA PHE A 103 0.27 -8.52 -21.37
C PHE A 103 1.46 -9.12 -22.10
N SER A 104 2.29 -8.28 -22.72
CA SER A 104 3.42 -8.78 -23.49
C SER A 104 4.57 -9.26 -22.63
N LEU A 105 4.59 -8.90 -21.34
CA LEU A 105 5.74 -9.19 -20.49
C LEU A 105 5.49 -10.28 -19.45
N VAL A 106 4.26 -10.45 -19.00
CA VAL A 106 3.93 -11.37 -17.92
C VAL A 106 2.70 -12.18 -18.31
N ALA A 107 2.41 -13.21 -17.52
CA ALA A 107 1.14 -13.92 -17.67
C ALA A 107 -0.01 -12.95 -17.47
N ILE A 108 -1.01 -13.04 -18.36
CA ILE A 108 -2.10 -12.07 -18.30
C ILE A 108 -2.93 -12.26 -17.03
N SER A 109 -2.91 -13.45 -16.45
CA SER A 109 -3.56 -13.65 -15.15
C SER A 109 -2.96 -12.74 -14.09
N PHE A 110 -1.65 -12.50 -14.17
CA PHE A 110 -1.02 -11.59 -13.21
C PHE A 110 -1.38 -10.13 -13.51
N THR A 111 -1.36 -9.74 -14.79
CA THR A 111 -1.79 -8.39 -15.16
C THR A 111 -3.18 -8.09 -14.61
N HIS A 112 -4.08 -9.06 -14.66
CA HIS A 112 -5.44 -8.84 -14.19
C HIS A 112 -5.52 -8.83 -12.66
N VAL A 113 -4.62 -9.53 -11.97
CA VAL A 113 -4.56 -9.43 -10.52
C VAL A 113 -4.20 -8.02 -10.09
N VAL A 114 -3.19 -7.44 -10.73
CA VAL A 114 -2.80 -6.06 -10.45
C VAL A 114 -3.95 -5.12 -10.77
N LYS A 115 -4.64 -5.34 -11.88
CA LYS A 115 -5.74 -4.47 -12.25
C LYS A 115 -6.99 -4.72 -11.44
N SER A 116 -7.03 -5.79 -10.64
CA SER A 116 -8.19 -6.04 -9.78
C SER A 116 -8.33 -5.00 -8.68
N ALA A 117 -7.26 -4.26 -8.36
CA ALA A 117 -7.31 -3.18 -7.38
C ALA A 117 -7.90 -1.89 -7.94
N GLU A 118 -8.37 -1.94 -9.19
CA GLU A 118 -8.97 -0.77 -9.82
C GLU A 118 -10.07 -0.08 -8.99
N PRO A 119 -10.96 -0.78 -8.28
CA PRO A 119 -11.99 -0.06 -7.51
C PRO A 119 -11.45 0.91 -6.47
N VAL A 120 -10.28 0.62 -5.87
CA VAL A 120 -9.71 1.55 -4.91
C VAL A 120 -9.32 2.86 -5.59
N PHE A 121 -8.62 2.75 -6.73
CA PHE A 121 -8.33 3.93 -7.53
C PHE A 121 -9.61 4.62 -7.98
N GLY A 122 -10.64 3.83 -8.30
CA GLY A 122 -11.90 4.42 -8.75
C GLY A 122 -12.60 5.20 -7.66
N ALA A 123 -12.64 4.64 -6.45
CA ALA A 123 -13.29 5.34 -5.34
C ALA A 123 -12.53 6.61 -4.95
N VAL A 124 -11.20 6.56 -4.96
CA VAL A 124 -10.40 7.72 -4.60
C VAL A 124 -10.60 8.85 -5.60
N GLY A 125 -10.50 8.54 -6.89
CA GLY A 125 -10.70 9.58 -7.90
C GLY A 125 -12.11 10.13 -7.89
N SER A 126 -13.11 9.28 -7.69
CA SER A 126 -14.49 9.73 -7.67
C SER A 126 -14.77 10.59 -6.45
N ALA A 127 -14.27 10.19 -5.28
CA ALA A 127 -14.45 10.99 -4.07
C ALA A 127 -13.69 12.31 -4.14
N LEU A 128 -12.50 12.30 -4.76
CA LEU A 128 -11.79 13.55 -5.01
C LEU A 128 -12.67 14.52 -5.79
N VAL A 129 -13.33 14.03 -6.83
CA VAL A 129 -14.12 14.90 -7.70
C VAL A 129 -15.40 15.33 -7.01
N LEU A 130 -16.01 14.43 -6.25
CA LEU A 130 -17.30 14.67 -5.60
C LEU A 130 -17.15 15.29 -4.21
N GLY A 131 -15.93 15.51 -3.74
CA GLY A 131 -15.76 16.08 -2.41
C GLY A 131 -16.24 15.19 -1.30
N GLU A 132 -16.12 13.88 -1.46
CA GLU A 132 -16.52 12.95 -0.42
C GLU A 132 -15.32 12.64 0.49
N PHE A 133 -15.61 11.99 1.61
CA PHE A 133 -14.58 11.63 2.58
C PHE A 133 -14.66 10.13 2.87
N PHE A 134 -13.54 9.58 3.34
CA PHE A 134 -13.37 8.15 3.55
C PHE A 134 -13.45 7.81 5.02
N HIS A 135 -14.28 6.83 5.34
CA HIS A 135 -14.29 6.25 6.68
C HIS A 135 -12.93 5.61 6.97
N PRO A 136 -12.42 5.71 8.20
CA PRO A 136 -11.09 5.16 8.49
C PRO A 136 -10.99 3.66 8.27
N LEU A 137 -12.11 2.94 8.29
CA LEU A 137 -12.08 1.50 8.10
C LEU A 137 -11.65 1.12 6.68
N THR A 138 -11.77 2.02 5.70
CA THR A 138 -11.27 1.71 4.37
C THR A 138 -9.76 1.56 4.37
N TYR A 139 -9.07 2.30 5.24
CA TYR A 139 -7.62 2.11 5.39
C TYR A 139 -7.30 0.73 5.93
N LEU A 140 -8.17 0.16 6.77
CA LEU A 140 -7.94 -1.18 7.28
C LEU A 140 -8.00 -2.22 6.16
N THR A 141 -8.93 -2.05 5.21
CA THR A 141 -9.05 -3.01 4.12
C THR A 141 -7.89 -2.93 3.15
N LEU A 142 -7.11 -1.84 3.19
CA LEU A 142 -5.92 -1.77 2.35
C LEU A 142 -4.87 -2.79 2.77
N VAL A 143 -4.87 -3.20 4.03
CA VAL A 143 -3.88 -4.17 4.50
C VAL A 143 -3.95 -5.48 3.73
N PRO A 144 -5.11 -6.13 3.57
CA PRO A 144 -5.14 -7.34 2.73
C PRO A 144 -4.89 -7.07 1.25
N ILE A 145 -5.26 -5.87 0.76
CA ILE A 145 -5.04 -5.56 -0.65
C ILE A 145 -3.54 -5.45 -0.94
N VAL A 146 -2.84 -4.61 -0.19
CA VAL A 146 -1.41 -4.43 -0.39
C VAL A 146 -0.66 -5.74 -0.12
N SER A 147 -1.03 -6.44 0.97
CA SER A 147 -0.38 -7.70 1.29
C SER A 147 -0.64 -8.75 0.22
N GLY A 148 -1.88 -8.82 -0.29
CA GLY A 148 -2.22 -9.84 -1.26
C GLY A 148 -1.50 -9.64 -2.58
N VAL A 149 -1.50 -8.40 -3.09
CA VAL A 149 -0.77 -8.10 -4.33
C VAL A 149 0.72 -8.35 -4.14
N ALA A 150 1.27 -7.95 -2.99
CA ALA A 150 2.69 -8.16 -2.72
C ALA A 150 3.02 -9.64 -2.73
N LEU A 151 2.18 -10.45 -2.08
CA LEU A 151 2.40 -11.90 -2.06
C LEU A 151 2.22 -12.50 -3.45
N SER A 152 1.21 -12.02 -4.18
CA SER A 152 1.00 -12.49 -5.55
C SER A 152 2.22 -12.22 -6.42
N ALA A 153 2.73 -10.98 -6.37
CA ALA A 153 3.89 -10.61 -7.18
C ALA A 153 5.13 -11.39 -6.75
N ALA A 154 5.33 -11.56 -5.45
CA ALA A 154 6.54 -12.23 -4.96
C ALA A 154 6.57 -13.71 -5.28
N THR A 155 5.42 -14.30 -5.63
CA THR A 155 5.35 -15.71 -5.98
C THR A 155 4.99 -15.94 -7.45
N GLU A 156 4.86 -14.87 -8.23
CA GLU A 156 4.50 -14.99 -9.64
C GLU A 156 5.73 -15.38 -10.44
N LEU A 157 5.64 -16.50 -11.17
CA LEU A 157 6.81 -17.02 -11.86
C LEU A 157 7.22 -16.14 -13.03
N THR A 158 6.29 -15.43 -13.66
CA THR A 158 6.61 -14.58 -14.80
C THR A 158 6.85 -13.12 -14.41
N PHE A 159 7.00 -12.83 -13.12
CA PHE A 159 7.07 -11.45 -12.65
C PHE A 159 8.22 -10.68 -13.28
N THR A 160 7.92 -9.48 -13.77
CA THR A 160 8.93 -8.47 -14.07
C THR A 160 8.42 -7.14 -13.53
N TRP A 161 9.35 -6.25 -13.16
CA TRP A 161 8.96 -4.96 -12.60
C TRP A 161 8.17 -4.13 -13.60
N THR A 162 8.61 -4.11 -14.85
CA THR A 162 7.90 -3.34 -15.88
C THR A 162 6.51 -3.91 -16.12
N GLY A 163 6.38 -5.23 -16.15
CA GLY A 163 5.06 -5.83 -16.30
C GLY A 163 4.14 -5.50 -15.15
N PHE A 164 4.69 -5.38 -13.95
CA PHE A 164 3.89 -5.02 -12.78
C PHE A 164 3.51 -3.54 -12.81
N ILE A 165 4.45 -2.67 -13.17
CA ILE A 165 4.21 -1.23 -13.07
C ILE A 165 3.29 -0.74 -14.18
N THR A 166 3.42 -1.31 -15.39
CA THR A 166 2.51 -0.92 -16.46
C THR A 166 1.07 -1.30 -16.12
N ALA A 167 0.86 -2.46 -15.50
CA ALA A 167 -0.48 -2.85 -15.09
C ALA A 167 -1.02 -1.92 -14.01
N MET A 168 -0.17 -1.55 -13.05
CA MET A 168 -0.59 -0.64 -11.99
C MET A 168 -0.92 0.74 -12.55
N ILE A 169 -0.13 1.21 -13.52
CA ILE A 169 -0.38 2.49 -14.16
C ILE A 169 -1.72 2.48 -14.89
N SER A 170 -2.11 1.34 -15.44
CA SER A 170 -3.37 1.28 -16.18
C SER A 170 -4.56 1.50 -15.25
N ASN A 171 -4.43 1.11 -13.97
CA ASN A 171 -5.48 1.40 -13.00
C ASN A 171 -5.79 2.89 -12.96
N VAL A 172 -4.75 3.73 -12.95
CA VAL A 172 -4.96 5.17 -12.86
C VAL A 172 -5.57 5.68 -14.17
N ALA A 173 -5.02 5.27 -15.30
CA ALA A 173 -5.46 5.79 -16.59
C ALA A 173 -6.93 5.46 -16.85
N PHE A 174 -7.33 4.21 -16.60
CA PHE A 174 -8.70 3.81 -16.91
C PHE A 174 -9.70 4.45 -15.96
N VAL A 175 -9.30 4.71 -14.71
CA VAL A 175 -10.21 5.36 -13.78
C VAL A 175 -10.49 6.80 -14.22
N THR A 176 -9.45 7.54 -14.64
CA THR A 176 -9.69 8.87 -15.17
C THR A 176 -10.58 8.81 -16.41
N ARG A 177 -10.34 7.83 -17.28
CA ARG A 177 -11.20 7.64 -18.46
C ARG A 177 -12.65 7.44 -18.03
N ASN A 178 -12.89 6.51 -17.10
CA ASN A 178 -14.27 6.20 -16.71
C ASN A 178 -14.95 7.42 -16.08
N ILE A 179 -14.23 8.14 -15.23
CA ILE A 179 -14.80 9.29 -14.55
C ILE A 179 -15.09 10.42 -15.53
N THR A 180 -14.10 10.76 -16.37
CA THR A 180 -14.31 11.84 -17.33
C THR A 180 -15.33 11.45 -18.39
N SER A 181 -15.31 10.20 -18.84
CA SER A 181 -16.34 9.74 -19.77
C SER A 181 -17.72 9.85 -19.15
N LYS A 182 -17.83 9.53 -17.85
CA LYS A 182 -19.12 9.61 -17.18
C LYS A 182 -19.61 11.05 -17.08
N PHE A 183 -18.69 12.00 -16.88
CA PHE A 183 -19.04 13.42 -16.95
C PHE A 183 -19.71 13.74 -18.27
N THR A 184 -19.01 13.43 -19.37
CA THR A 184 -19.49 13.77 -20.71
C THR A 184 -20.86 13.16 -20.99
N MET A 185 -21.01 11.87 -20.69
CA MET A 185 -22.28 11.19 -20.97
C MET A 185 -23.44 11.81 -20.19
N VAL A 186 -23.17 12.33 -18.98
CA VAL A 186 -24.20 13.00 -18.21
C VAL A 186 -24.48 14.39 -18.76
N ASP A 187 -23.44 15.15 -19.12
CA ASP A 187 -23.64 16.50 -19.64
C ASP A 187 -24.38 16.49 -20.98
N PHE A 188 -24.08 15.50 -21.84
CA PHE A 188 -24.74 15.35 -23.13
C PHE A 188 -25.88 14.34 -23.07
N LYS A 189 -26.50 14.17 -21.90
CA LYS A 189 -27.60 13.21 -21.75
C LYS A 189 -28.79 13.57 -22.62
N ASN A 190 -29.03 14.86 -22.87
CA ASN A 190 -30.16 15.23 -23.71
C ASN A 190 -29.87 14.97 -25.19
N GLU A 191 -28.61 15.00 -25.58
CA GLU A 191 -28.22 14.75 -26.97
C GLU A 191 -28.55 13.31 -27.35
N LYS A 192 -29.69 13.13 -28.02
CA LYS A 192 -30.16 11.79 -28.33
C LYS A 192 -29.21 11.03 -29.23
N THR A 193 -28.40 11.73 -30.03
CA THR A 193 -27.49 11.04 -30.95
C THR A 193 -26.25 10.52 -30.25
N LEU A 194 -25.89 11.05 -29.08
CA LEU A 194 -24.70 10.57 -28.37
C LEU A 194 -25.08 9.41 -27.45
N ILE A 195 -25.41 8.29 -28.09
CA ILE A 195 -25.65 7.06 -27.36
C ILE A 195 -24.32 6.54 -26.82
N ALA A 196 -24.38 5.53 -25.95
CA ALA A 196 -23.18 5.05 -25.28
C ALA A 196 -22.14 4.55 -26.28
N GLN A 197 -22.57 3.78 -27.29
CA GLN A 197 -21.61 3.27 -28.28
C GLN A 197 -20.96 4.40 -29.06
N ASN A 198 -21.65 5.52 -29.24
CA ASN A 198 -21.04 6.64 -29.96
C ASN A 198 -20.00 7.35 -29.11
N THR A 199 -20.23 7.43 -27.80
CA THR A 199 -19.21 7.98 -26.91
C THR A 199 -17.91 7.19 -27.02
N TYR A 200 -18.00 5.86 -26.95
CA TYR A 200 -16.79 5.07 -27.08
C TYR A 200 -16.26 5.09 -28.52
N ALA A 201 -17.15 5.17 -29.52
CA ALA A 201 -16.69 5.25 -30.91
C ALA A 201 -15.78 6.44 -31.11
N LEU A 202 -16.16 7.61 -30.59
CA LEU A 202 -15.32 8.79 -30.72
C LEU A 202 -14.02 8.64 -29.93
N ILE A 203 -14.07 7.97 -28.79
CA ILE A 203 -12.87 7.75 -27.99
C ILE A 203 -11.87 6.87 -28.73
N THR A 204 -12.35 5.78 -29.34
CA THR A 204 -11.42 4.88 -30.02
C THR A 204 -10.84 5.53 -31.29
N ILE A 205 -11.56 6.49 -31.88
CA ILE A 205 -11.02 7.23 -33.02
C ILE A 205 -9.93 8.18 -32.56
N ILE A 206 -10.22 8.97 -31.51
CA ILE A 206 -9.23 9.90 -30.98
C ILE A 206 -8.02 9.15 -30.43
N SER A 207 -8.26 8.06 -29.70
CA SER A 207 -7.17 7.31 -29.08
C SER A 207 -6.25 6.69 -30.13
N PHE A 208 -6.80 6.26 -31.27
CA PHE A 208 -5.96 5.71 -32.31
C PHE A 208 -4.89 6.71 -32.75
N PHE A 209 -5.30 7.93 -33.12
CA PHE A 209 -4.33 8.94 -33.53
C PHE A 209 -3.45 9.38 -32.36
N MET A 210 -3.94 9.26 -31.13
CA MET A 210 -3.10 9.58 -29.98
C MET A 210 -1.94 8.60 -29.84
N GLU A 211 -2.20 7.31 -30.03
CA GLU A 211 -1.17 6.30 -29.86
C GLU A 211 -0.32 6.07 -31.10
N LEU A 212 -0.84 6.39 -32.28
CA LEU A 212 -0.15 6.07 -33.53
C LEU A 212 1.28 6.61 -33.59
N PRO A 213 1.56 7.88 -33.30
CA PRO A 213 2.97 8.34 -33.38
C PRO A 213 3.89 7.60 -32.44
N PHE A 214 3.46 7.33 -31.20
CA PHE A 214 4.28 6.58 -30.26
C PHE A 214 4.57 5.17 -30.79
N ALA A 215 3.54 4.49 -31.27
CA ALA A 215 3.71 3.11 -31.73
C ALA A 215 4.68 3.05 -32.91
N LEU A 216 4.60 4.02 -33.83
CA LEU A 216 5.53 4.04 -34.95
C LEU A 216 6.95 4.37 -34.49
N LEU A 217 7.09 5.14 -33.41
CA LEU A 217 8.42 5.53 -32.96
C LEU A 217 9.16 4.38 -32.29
N MET A 218 8.48 3.61 -31.47
CA MET A 218 9.18 2.62 -30.64
C MET A 218 9.21 1.23 -31.25
N GLU A 219 8.39 0.97 -32.26
CA GLU A 219 8.40 -0.33 -32.93
C GLU A 219 8.42 -0.22 -34.44
N GLY A 220 8.19 0.96 -35.02
CA GLY A 220 8.19 1.07 -36.46
C GLY A 220 7.10 0.24 -37.09
N PHE A 221 7.44 -0.45 -38.18
CA PHE A 221 6.54 -1.35 -38.89
C PHE A 221 7.06 -2.77 -38.72
N PRO A 222 6.59 -3.50 -37.72
CA PRO A 222 7.12 -4.85 -37.47
C PRO A 222 6.77 -5.78 -38.62
N PRO A 223 7.68 -6.65 -39.02
CA PRO A 223 7.37 -7.61 -40.08
C PRO A 223 6.35 -8.63 -39.61
N LEU A 224 5.46 -9.02 -40.52
CA LEU A 224 4.38 -9.95 -40.21
C LEU A 224 4.94 -11.38 -40.24
N VAL A 225 5.69 -11.70 -39.18
CA VAL A 225 6.35 -13.00 -39.06
C VAL A 225 6.08 -13.54 -37.66
N SER A 226 5.67 -14.80 -37.59
CA SER A 226 5.38 -15.44 -36.32
C SER A 226 6.67 -15.90 -35.64
N ALA A 227 6.83 -15.53 -34.37
CA ALA A 227 7.95 -16.02 -33.57
C ALA A 227 7.79 -17.49 -33.19
N ILE A 228 6.61 -18.07 -33.38
CA ILE A 228 6.38 -19.49 -33.19
C ILE A 228 6.50 -20.15 -34.55
N ALA A 229 7.53 -20.98 -34.73
CA ALA A 229 7.80 -21.59 -36.02
C ALA A 229 6.62 -22.46 -36.45
N GLY A 230 6.33 -22.42 -37.75
CA GLY A 230 5.26 -23.22 -38.33
C GLY A 230 3.95 -22.50 -38.52
N VAL A 231 3.76 -21.33 -37.92
CA VAL A 231 2.52 -20.58 -38.03
C VAL A 231 2.62 -19.68 -39.25
N SER A 232 1.71 -19.86 -40.20
CA SER A 232 1.73 -19.09 -41.43
C SER A 232 1.40 -17.62 -41.16
N LYS A 233 1.79 -16.77 -42.12
CA LYS A 233 1.47 -15.34 -42.03
C LYS A 233 -0.03 -15.10 -42.08
N ALA A 234 -0.76 -15.96 -42.78
CA ALA A 234 -2.22 -15.85 -42.82
C ALA A 234 -2.83 -16.08 -41.44
N LYS A 235 -2.33 -17.09 -40.73
CA LYS A 235 -2.83 -17.37 -39.39
C LYS A 235 -2.50 -16.23 -38.42
N LEU A 236 -1.32 -15.63 -38.57
CA LEU A 236 -0.95 -14.51 -37.71
C LEU A 236 -1.81 -13.28 -38.01
N PHE A 237 -2.01 -12.96 -39.30
CA PHE A 237 -2.88 -11.85 -39.65
C PHE A 237 -4.30 -12.08 -39.15
N GLY A 238 -4.82 -13.29 -39.33
CA GLY A 238 -6.16 -13.59 -38.83
C GLY A 238 -6.27 -13.44 -37.33
N SER A 239 -5.22 -13.81 -36.60
CA SER A 239 -5.22 -13.69 -35.15
C SER A 239 -5.21 -12.23 -34.72
N ILE A 240 -4.44 -11.39 -35.43
CA ILE A 240 -4.42 -9.96 -35.14
C ILE A 240 -5.81 -9.36 -35.33
N MET A 241 -6.46 -9.68 -36.45
CA MET A 241 -7.77 -9.13 -36.74
C MET A 241 -8.83 -9.65 -35.78
N PHE A 242 -8.71 -10.92 -35.40
CA PHE A 242 -9.71 -11.52 -34.52
C PHE A 242 -9.70 -10.85 -33.14
N CYS A 243 -8.54 -10.72 -32.53
CA CYS A 243 -8.48 -10.10 -31.21
C CYS A 243 -8.74 -8.59 -31.30
N SER A 244 -8.45 -7.96 -32.44
CA SER A 244 -8.78 -6.55 -32.61
C SER A 244 -10.29 -6.35 -32.63
N LEU A 245 -11.02 -7.24 -33.32
CA LEU A 245 -12.47 -7.14 -33.38
C LEU A 245 -13.08 -7.28 -31.99
N PHE A 246 -12.67 -8.31 -31.25
CA PHE A 246 -13.27 -8.51 -29.94
C PHE A 246 -12.76 -7.52 -28.90
N TYR A 247 -11.57 -6.97 -29.09
CA TYR A 247 -11.15 -5.83 -28.27
C TYR A 247 -12.18 -4.70 -28.35
N HIS A 248 -12.61 -4.37 -29.57
CA HIS A 248 -13.55 -3.26 -29.73
C HIS A 248 -14.93 -3.64 -29.20
N LEU A 249 -15.38 -4.86 -29.46
CA LEU A 249 -16.72 -5.26 -29.04
C LEU A 249 -16.87 -5.24 -27.52
N TYR A 250 -15.86 -5.72 -26.78
CA TYR A 250 -15.99 -5.72 -25.33
C TYR A 250 -15.95 -4.30 -24.77
N ASN A 251 -15.07 -3.45 -25.30
CA ASN A 251 -15.02 -2.08 -24.83
C ASN A 251 -16.31 -1.34 -25.17
N GLU A 252 -16.84 -1.56 -26.38
CA GLU A 252 -18.06 -0.89 -26.81
C GLU A 252 -19.23 -1.27 -25.92
N VAL A 253 -19.39 -2.58 -25.65
CA VAL A 253 -20.47 -3.03 -24.78
C VAL A 253 -20.24 -2.56 -23.35
N SER A 254 -18.99 -2.44 -22.93
CA SER A 254 -18.71 -1.95 -21.57
C SER A 254 -19.19 -0.52 -21.39
N TYR A 255 -19.20 0.28 -22.45
CA TYR A 255 -19.68 1.65 -22.32
C TYR A 255 -21.20 1.69 -22.16
N LEU A 256 -21.91 0.69 -22.67
CA LEU A 256 -23.32 0.54 -22.29
C LEU A 256 -23.45 0.28 -20.80
N CYS A 257 -22.56 -0.54 -20.23
CA CYS A 257 -22.58 -0.78 -18.80
C CYS A 257 -22.23 0.48 -18.03
N LEU A 258 -21.21 1.22 -18.48
CA LEU A 258 -20.83 2.47 -17.83
C LEU A 258 -21.98 3.47 -17.86
N ASP A 259 -22.75 3.48 -18.94
CA ASP A 259 -23.90 4.37 -19.05
C ASP A 259 -24.91 4.12 -17.95
N ASN A 260 -25.00 2.88 -17.46
CA ASN A 260 -26.06 2.49 -16.55
C ASN A 260 -25.65 2.46 -15.08
N VAL A 261 -24.36 2.65 -14.77
CA VAL A 261 -23.87 2.58 -13.39
C VAL A 261 -22.91 3.75 -13.14
N SER A 262 -22.55 3.92 -11.88
CA SER A 262 -21.52 4.88 -11.49
C SER A 262 -20.15 4.35 -11.91
N PRO A 263 -19.16 5.24 -12.04
CA PRO A 263 -17.80 4.78 -12.35
C PRO A 263 -17.25 3.79 -11.34
N VAL A 264 -17.58 3.95 -10.06
CA VAL A 264 -17.09 3.02 -9.04
C VAL A 264 -17.72 1.64 -9.22
N SER A 265 -19.04 1.60 -9.45
CA SER A 265 -19.69 0.32 -9.75
C SER A 265 -19.12 -0.31 -11.02
N PHE A 266 -18.73 0.51 -11.99
CA PHE A 266 -18.12 -0.02 -13.20
C PHE A 266 -16.80 -0.72 -12.88
N SER A 267 -15.99 -0.13 -11.99
CA SER A 267 -14.73 -0.76 -11.59
C SER A 267 -14.98 -2.04 -10.80
N ILE A 268 -16.02 -2.05 -9.95
CA ILE A 268 -16.40 -3.28 -9.25
C ILE A 268 -16.83 -4.33 -10.26
N GLY A 269 -17.55 -3.92 -11.30
CA GLY A 269 -17.85 -4.83 -12.40
C GLY A 269 -16.62 -5.34 -13.10
N ASN A 270 -15.57 -4.50 -13.17
CA ASN A 270 -14.32 -4.93 -13.81
C ASN A 270 -13.60 -5.99 -12.97
N THR A 271 -13.63 -5.85 -11.64
CA THR A 271 -12.94 -6.82 -10.79
C THR A 271 -13.63 -8.18 -10.88
N ILE A 272 -14.97 -8.19 -10.92
CA ILE A 272 -15.69 -9.44 -11.15
C ILE A 272 -15.30 -10.03 -12.50
N LYS A 273 -15.20 -9.20 -13.53
CA LYS A 273 -14.72 -9.66 -14.83
C LYS A 273 -13.35 -10.33 -14.70
N ARG A 274 -12.47 -9.76 -13.87
CA ARG A 274 -11.10 -10.24 -13.85
C ARG A 274 -10.96 -11.59 -13.16
N VAL A 275 -11.82 -11.87 -12.18
CA VAL A 275 -11.85 -13.22 -11.62
C VAL A 275 -12.14 -14.24 -12.72
N ILE A 276 -13.09 -13.93 -13.61
CA ILE A 276 -13.41 -14.82 -14.71
C ILE A 276 -12.23 -14.96 -15.66
N ILE A 277 -11.60 -13.83 -16.01
CA ILE A 277 -10.47 -13.88 -16.92
C ILE A 277 -9.30 -14.65 -16.31
N ILE A 278 -9.05 -14.43 -15.02
CA ILE A 278 -7.95 -15.12 -14.35
C ILE A 278 -8.19 -16.63 -14.36
N PHE A 279 -9.39 -17.04 -13.95
CA PHE A 279 -9.72 -18.47 -13.97
C PHE A 279 -9.64 -19.04 -15.37
N GLY A 280 -10.18 -18.33 -16.36
CA GLY A 280 -10.17 -18.84 -17.71
C GLY A 280 -8.77 -18.92 -18.30
N SER A 281 -7.97 -17.87 -18.12
CA SER A 281 -6.66 -17.83 -18.75
C SER A 281 -5.71 -18.85 -18.14
N ILE A 282 -5.77 -19.08 -16.82
CA ILE A 282 -4.86 -20.06 -16.25
C ILE A 282 -5.23 -21.46 -16.71
N LEU A 283 -6.51 -21.71 -17.00
CA LEU A 283 -6.92 -23.01 -17.52
C LEU A 283 -6.52 -23.17 -18.98
N VAL A 284 -6.75 -22.14 -19.80
CA VAL A 284 -6.43 -22.24 -21.23
C VAL A 284 -4.93 -22.37 -21.42
N PHE A 285 -4.14 -21.58 -20.71
CA PHE A 285 -2.70 -21.56 -20.87
C PHE A 285 -1.97 -22.50 -19.91
N ARG A 286 -2.70 -23.20 -19.04
CA ARG A 286 -2.09 -24.07 -18.03
C ARG A 286 -1.01 -23.34 -17.26
N THR A 287 -1.35 -22.14 -16.82
CA THR A 287 -0.43 -21.29 -16.07
C THR A 287 -0.08 -21.96 -14.75
N PRO A 288 1.20 -22.16 -14.43
CA PRO A 288 1.55 -22.70 -13.10
C PRO A 288 1.19 -21.71 -12.01
N VAL A 289 0.48 -22.20 -10.98
CA VAL A 289 0.07 -21.36 -9.85
C VAL A 289 0.36 -22.11 -8.56
N THR A 290 1.21 -21.55 -7.72
CA THR A 290 1.48 -22.16 -6.42
C THR A 290 0.37 -21.82 -5.43
N ARG A 291 0.38 -22.54 -4.29
CA ARG A 291 -0.58 -22.27 -3.23
C ARG A 291 -0.48 -20.84 -2.75
N LEU A 292 0.74 -20.37 -2.47
CA LEU A 292 0.90 -19.00 -1.97
C LEU A 292 0.42 -17.98 -2.99
N ASN A 293 0.63 -18.25 -4.28
CA ASN A 293 0.19 -17.33 -5.31
C ASN A 293 -1.34 -17.27 -5.39
N PHE A 294 -1.99 -18.43 -5.33
CA PHE A 294 -3.45 -18.46 -5.22
C PHE A 294 -3.93 -17.64 -4.04
N ILE A 295 -3.30 -17.83 -2.88
CA ILE A 295 -3.79 -17.20 -1.65
C ILE A 295 -3.56 -15.70 -1.70
N GLY A 296 -2.39 -15.27 -2.17
CA GLY A 296 -2.13 -13.84 -2.29
C GLY A 296 -3.11 -13.14 -3.22
N SER A 297 -3.34 -13.72 -4.40
CA SER A 297 -4.25 -13.09 -5.36
C SER A 297 -5.67 -13.06 -4.83
N THR A 298 -6.12 -14.15 -4.18
CA THR A 298 -7.46 -14.21 -3.62
C THR A 298 -7.63 -13.19 -2.50
N ILE A 299 -6.63 -13.07 -1.62
CA ILE A 299 -6.70 -12.10 -0.53
C ILE A 299 -6.76 -10.67 -1.08
N ALA A 300 -5.99 -10.39 -2.12
CA ALA A 300 -6.02 -9.06 -2.72
C ALA A 300 -7.42 -8.72 -3.24
N ILE A 301 -8.08 -9.69 -3.88
CA ILE A 301 -9.39 -9.43 -4.46
C ILE A 301 -10.48 -9.39 -3.39
N ILE A 302 -10.38 -10.22 -2.34
CA ILE A 302 -11.29 -10.10 -1.21
C ILE A 302 -11.15 -8.72 -0.57
N GLY A 303 -9.91 -8.23 -0.48
CA GLY A 303 -9.69 -6.92 0.13
C GLY A 303 -10.34 -5.79 -0.62
N THR A 304 -10.23 -5.78 -1.95
CA THR A 304 -10.84 -4.69 -2.71
C THR A 304 -12.36 -4.74 -2.66
N MET A 305 -12.94 -5.93 -2.54
CA MET A 305 -14.39 -6.02 -2.34
C MET A 305 -14.77 -5.54 -0.95
N LEU A 306 -14.05 -5.98 0.09
CA LEU A 306 -14.28 -5.47 1.43
C LEU A 306 -14.09 -3.96 1.47
N TYR A 307 -13.09 -3.45 0.76
CA TYR A 307 -12.88 -2.02 0.66
C TYR A 307 -14.10 -1.33 0.06
N SER A 308 -14.61 -1.85 -1.06
CA SER A 308 -15.81 -1.29 -1.67
C SER A 308 -17.00 -1.40 -0.73
N LEU A 309 -17.13 -2.54 -0.05
CA LEU A 309 -18.20 -2.70 0.94
C LEU A 309 -18.09 -1.67 2.04
N ALA A 310 -16.87 -1.41 2.52
CA ALA A 310 -16.68 -0.44 3.60
C ALA A 310 -16.98 0.98 3.11
N LYS A 311 -16.47 1.34 1.93
CA LYS A 311 -16.74 2.67 1.38
C LYS A 311 -18.23 2.88 1.14
N ALA A 312 -18.95 1.83 0.76
CA ALA A 312 -20.38 1.97 0.44
C ALA A 312 -21.25 2.01 1.69
N LYS A 313 -20.92 1.22 2.71
CA LYS A 313 -21.78 1.03 3.87
C LYS A 313 -21.45 1.97 5.02
N LEU A 314 -20.49 2.87 4.85
CA LEU A 314 -20.09 3.78 5.92
C LEU A 314 -20.15 5.22 5.43
N PRO A 315 -20.66 6.14 6.27
CA PRO A 315 -20.99 7.55 5.96
C PRO A 315 -20.10 8.21 4.91
N SER B 11 5.15 34.07 26.95
CA SER B 11 6.25 33.30 27.54
C SER B 11 5.78 31.96 28.17
N PRO B 12 4.84 31.99 29.12
CA PRO B 12 4.52 30.73 29.84
C PRO B 12 4.22 29.56 28.91
N THR B 13 3.56 29.79 27.77
CA THR B 13 3.41 28.73 26.78
C THR B 13 4.73 28.46 26.08
N LEU B 14 5.56 29.49 25.91
CA LEU B 14 6.84 29.30 25.23
C LEU B 14 7.83 28.52 26.11
N VAL B 15 7.91 28.83 27.41
CA VAL B 15 8.78 28.06 28.29
C VAL B 15 8.37 26.60 28.28
N HIS B 16 7.06 26.34 28.18
CA HIS B 16 6.57 24.97 28.14
C HIS B 16 7.01 24.26 26.87
N THR B 17 6.89 24.92 25.72
CA THR B 17 7.29 24.30 24.46
C THR B 17 8.81 24.11 24.40
N LEU B 18 9.57 25.00 25.04
CA LEU B 18 11.01 24.78 25.12
C LEU B 18 11.33 23.58 26.00
N LYS B 19 10.64 23.45 27.14
CA LYS B 19 10.83 22.27 27.98
C LYS B 19 10.44 21.00 27.23
N VAL B 20 9.31 21.04 26.50
CA VAL B 20 8.90 19.89 25.70
C VAL B 20 9.92 19.61 24.60
N GLY B 21 10.42 20.67 23.94
CA GLY B 21 11.43 20.48 22.91
C GLY B 21 12.70 19.84 23.44
N PHE B 22 13.07 20.15 24.69
CA PHE B 22 14.20 19.49 25.32
C PHE B 22 13.92 18.02 25.58
N TYR B 23 12.66 17.65 25.88
CA TYR B 23 12.31 16.25 26.04
C TYR B 23 12.50 15.49 24.73
N PHE B 24 12.03 16.07 23.62
CA PHE B 24 12.24 15.46 22.31
C PHE B 24 13.72 15.24 22.04
N PHE B 25 14.57 16.20 22.44
CA PHE B 25 16.00 16.06 22.22
C PHE B 25 16.56 14.87 22.98
N LEU B 26 16.21 14.74 24.27
CA LEU B 26 16.67 13.60 25.05
C LEU B 26 16.12 12.29 24.49
N TRP B 27 14.87 12.30 24.05
CA TRP B 27 14.29 11.13 23.38
C TRP B 27 15.17 10.72 22.20
N TYR B 28 15.48 11.67 21.31
CA TYR B 28 16.30 11.36 20.15
C TYR B 28 17.71 10.95 20.55
N PHE B 29 18.30 11.67 21.49
CA PHE B 29 19.69 11.43 21.90
C PHE B 29 19.84 10.07 22.55
N PHE B 30 19.02 9.76 23.56
CA PHE B 30 19.06 8.46 24.21
C PHE B 30 18.78 7.34 23.20
N ASN B 31 17.84 7.56 22.29
CA ASN B 31 17.46 6.52 21.34
C ASN B 31 18.58 6.22 20.35
N PHE B 32 19.36 7.22 19.96
CA PHE B 32 20.49 6.96 19.08
C PHE B 32 21.55 6.14 19.79
N ILE B 33 21.95 6.55 21.00
CA ILE B 33 22.89 5.78 21.79
C ILE B 33 22.39 4.35 21.97
N PHE B 34 21.09 4.20 22.23
CA PHE B 34 20.53 2.85 22.40
C PHE B 34 20.67 2.03 21.13
N ASN B 35 20.27 2.60 19.98
CA ASN B 35 20.24 1.84 18.73
C ASN B 35 21.62 1.31 18.37
N ILE B 36 22.65 2.14 18.51
CA ILE B 36 24.02 1.71 18.22
C ILE B 36 24.42 0.56 19.12
N ALA B 37 24.22 0.74 20.44
CA ALA B 37 24.66 -0.28 21.40
C ALA B 37 23.83 -1.55 21.25
N ASN B 38 22.51 -1.41 21.03
CA ASN B 38 21.64 -2.56 20.88
C ASN B 38 22.07 -3.43 19.69
N LYS B 39 22.36 -2.79 18.55
CA LYS B 39 22.76 -3.54 17.36
C LYS B 39 24.13 -4.18 17.55
N ARG B 40 25.04 -3.48 18.23
CA ARG B 40 26.33 -4.09 18.57
C ARG B 40 26.15 -5.30 19.49
N THR B 41 25.18 -5.23 20.41
CA THR B 41 24.93 -6.37 21.28
C THR B 41 24.34 -7.55 20.50
N LEU B 42 23.38 -7.26 19.61
CA LEU B 42 22.80 -8.32 18.78
C LEU B 42 23.83 -8.95 17.86
N ASN B 43 24.82 -8.18 17.41
CA ASN B 43 25.90 -8.74 16.60
C ASN B 43 26.69 -9.77 17.40
N MET B 44 26.89 -9.52 18.70
CA MET B 44 27.64 -10.46 19.53
C MET B 44 26.75 -11.57 20.09
N TRP B 45 25.45 -11.31 20.24
CA TRP B 45 24.59 -12.12 21.12
C TRP B 45 23.19 -12.09 20.51
N LYS B 46 22.97 -12.96 19.52
CA LYS B 46 21.77 -12.87 18.67
C LYS B 46 20.59 -13.62 19.32
N TYR B 47 20.06 -13.00 20.38
CA TYR B 47 18.91 -13.55 21.09
C TYR B 47 17.88 -12.43 21.31
N PRO B 48 17.11 -12.10 20.27
CA PRO B 48 16.21 -10.93 20.38
C PRO B 48 15.15 -11.06 21.47
N TRP B 49 14.56 -12.25 21.65
CA TRP B 49 13.55 -12.43 22.70
C TRP B 49 14.13 -12.15 24.08
N VAL B 50 15.24 -12.82 24.42
CA VAL B 50 15.80 -12.68 25.76
C VAL B 50 16.38 -11.29 25.95
N LEU B 51 17.07 -10.75 24.93
CA LEU B 51 17.62 -9.41 25.05
C LEU B 51 16.52 -8.36 25.21
N SER B 52 15.44 -8.46 24.43
CA SER B 52 14.36 -7.49 24.57
C SER B 52 13.67 -7.63 25.93
N THR B 53 13.58 -8.85 26.45
CA THR B 53 13.01 -9.06 27.78
C THR B 53 13.92 -8.49 28.86
N ILE B 54 15.23 -8.71 28.73
CA ILE B 54 16.19 -8.12 29.68
C ILE B 54 16.06 -6.61 29.71
N GLN B 55 15.87 -5.99 28.54
CA GLN B 55 15.80 -4.54 28.48
C GLN B 55 14.60 -4.01 29.26
N LEU B 56 13.46 -4.72 29.18
CA LEU B 56 12.31 -4.34 29.98
C LEU B 56 12.59 -4.53 31.47
N GLY B 57 13.29 -5.61 31.83
CA GLY B 57 13.55 -5.89 33.23
C GLY B 57 14.50 -4.88 33.87
N VAL B 58 15.51 -4.45 33.11
CA VAL B 58 16.44 -3.45 33.63
C VAL B 58 15.71 -2.13 33.88
N GLY B 59 14.82 -1.75 32.97
CA GLY B 59 14.01 -0.57 33.20
C GLY B 59 13.07 -0.76 34.38
N ALA B 60 12.49 -1.96 34.51
CA ALA B 60 11.68 -2.26 35.69
C ALA B 60 12.50 -2.07 36.97
N LEU B 61 13.71 -2.61 37.00
CA LEU B 61 14.56 -2.49 38.20
C LEU B 61 14.96 -1.05 38.45
N TYR B 62 15.34 -0.33 37.39
CA TYR B 62 15.72 1.09 37.54
C TYR B 62 14.58 1.91 38.12
N CYS B 63 13.34 1.63 37.73
CA CYS B 63 12.21 2.40 38.24
C CYS B 63 11.92 2.07 39.70
N THR B 64 12.03 0.79 40.08
CA THR B 64 11.77 0.43 41.47
C THR B 64 12.80 1.02 42.42
N PHE B 65 14.04 1.17 41.96
CA PHE B 65 15.06 1.80 42.79
C PHE B 65 14.78 3.29 42.98
N LEU B 66 14.23 3.96 41.97
CA LEU B 66 13.83 5.36 42.16
C LEU B 66 12.72 5.47 43.20
N TRP B 67 11.78 4.51 43.19
CA TRP B 67 10.69 4.54 44.16
C TRP B 67 11.20 4.19 45.56
N VAL B 68 12.05 3.17 45.67
CA VAL B 68 12.53 2.72 46.97
C VAL B 68 13.41 3.79 47.63
N LEU B 69 14.21 4.50 46.84
CA LEU B 69 15.09 5.53 47.37
C LEU B 69 14.40 6.88 47.51
N GLY B 70 13.10 6.97 47.26
CA GLY B 70 12.42 8.25 47.35
C GLY B 70 12.88 9.26 46.33
N LEU B 71 13.41 8.83 45.19
CA LEU B 71 13.80 9.73 44.12
C LEU B 71 12.66 10.06 43.17
N ARG B 72 11.57 9.30 43.22
CA ARG B 72 10.42 9.53 42.35
C ARG B 72 9.16 9.15 43.11
N THR B 73 8.14 9.98 42.99
CA THR B 73 6.87 9.71 43.65
C THR B 73 6.34 8.35 43.25
N LYS B 74 5.89 7.59 44.24
CA LYS B 74 5.29 6.29 43.95
C LYS B 74 3.87 6.49 43.43
N PRO B 75 3.47 5.75 42.41
CA PRO B 75 2.09 5.85 41.91
C PRO B 75 1.13 5.04 42.77
N ASN B 76 -0.06 5.59 42.96
CA ASN B 76 -1.14 4.87 43.63
C ASN B 76 -1.71 3.87 42.64
N VAL B 77 -1.20 2.64 42.68
CA VAL B 77 -1.67 1.61 41.78
C VAL B 77 -3.03 1.13 42.28
N SER B 78 -4.00 1.06 41.36
CA SER B 78 -5.34 0.58 41.66
C SER B 78 -5.73 -0.47 40.64
N LYS B 79 -6.80 -1.20 40.96
CA LYS B 79 -7.31 -2.20 40.03
C LYS B 79 -7.69 -1.57 38.70
N LYS B 80 -8.33 -0.40 38.74
CA LYS B 80 -8.74 0.26 37.50
C LYS B 80 -7.53 0.69 36.67
N LEU B 81 -6.48 1.16 37.33
CA LEU B 81 -5.28 1.60 36.60
C LEU B 81 -4.60 0.43 35.91
N ILE B 82 -4.41 -0.68 36.63
CA ILE B 82 -3.81 -1.88 36.03
C ILE B 82 -4.63 -2.34 34.83
N LYS B 83 -5.96 -2.36 34.99
CA LYS B 83 -6.83 -2.69 33.85
C LYS B 83 -6.57 -1.77 32.68
N ALA B 84 -6.38 -0.47 32.95
CA ALA B 84 -6.16 0.51 31.89
C ALA B 84 -4.77 0.42 31.28
N LEU B 85 -3.86 -0.37 31.85
CA LEU B 85 -2.50 -0.45 31.35
C LEU B 85 -2.20 -1.79 30.68
N ILE B 86 -3.19 -2.67 30.53
CA ILE B 86 -2.94 -3.97 29.91
C ILE B 86 -2.75 -3.81 28.40
N TRP B 87 -3.70 -3.16 27.74
CA TRP B 87 -3.55 -2.92 26.31
C TRP B 87 -2.35 -2.03 25.98
N PRO B 88 -2.02 -0.99 26.75
CA PRO B 88 -0.73 -0.32 26.50
C PRO B 88 0.46 -1.26 26.64
N SER B 89 0.43 -2.19 27.60
CA SER B 89 1.55 -3.10 27.79
C SER B 89 1.58 -4.18 26.72
N LEU B 90 0.42 -4.67 26.30
CA LEU B 90 0.36 -5.60 25.17
C LEU B 90 0.97 -4.97 23.93
N GLY B 91 0.58 -3.72 23.63
CA GLY B 91 1.14 -3.05 22.47
C GLY B 91 2.64 -2.79 22.61
N HIS B 92 3.08 -2.46 23.83
CA HIS B 92 4.50 -2.22 24.06
C HIS B 92 5.29 -3.51 23.92
N THR B 93 4.82 -4.59 24.56
CA THR B 93 5.53 -5.86 24.51
C THR B 93 5.63 -6.37 23.08
N LEU B 94 4.53 -6.31 22.33
CA LEU B 94 4.52 -6.84 20.97
C LEU B 94 5.44 -6.04 20.05
N GLY B 95 5.35 -4.70 20.11
CA GLY B 95 6.20 -3.88 19.28
C GLY B 95 7.67 -4.02 19.64
N HIS B 96 7.96 -4.15 20.94
CA HIS B 96 9.33 -4.30 21.42
C HIS B 96 9.94 -5.62 20.92
N ALA B 97 9.21 -6.72 21.09
CA ALA B 97 9.72 -8.01 20.64
C ALA B 97 9.82 -8.05 19.11
N ALA B 98 8.86 -7.44 18.42
CA ALA B 98 8.88 -7.44 16.97
C ALA B 98 10.03 -6.63 16.41
N THR B 99 10.28 -5.44 16.97
CA THR B 99 11.34 -4.60 16.44
C THR B 99 12.71 -5.18 16.76
N CYS B 100 12.89 -5.73 17.96
CA CYS B 100 14.16 -6.34 18.30
C CYS B 100 14.44 -7.53 17.38
N MET B 101 13.43 -8.37 17.14
CA MET B 101 13.57 -9.45 16.16
C MET B 101 14.00 -8.90 14.80
N SER B 102 13.35 -7.83 14.35
CA SER B 102 13.74 -7.20 13.09
C SER B 102 15.18 -6.70 13.14
N PHE B 103 15.55 -6.03 14.24
CA PHE B 103 16.93 -5.57 14.41
C PHE B 103 17.93 -6.70 14.25
N SER B 104 17.60 -7.89 14.76
CA SER B 104 18.54 -9.01 14.72
C SER B 104 18.63 -9.66 13.35
N LEU B 105 17.72 -9.38 12.43
CA LEU B 105 17.68 -10.05 11.15
C LEU B 105 18.15 -9.20 9.98
N VAL B 106 17.99 -7.87 10.05
CA VAL B 106 18.34 -6.97 8.97
C VAL B 106 19.10 -5.78 9.56
N ALA B 107 19.67 -4.98 8.67
CA ALA B 107 20.27 -3.71 9.09
C ALA B 107 19.22 -2.85 9.77
N ILE B 108 19.57 -2.25 10.91
CA ILE B 108 18.58 -1.50 11.66
C ILE B 108 18.14 -0.25 10.91
N SER B 109 18.95 0.23 9.96
CA SER B 109 18.51 1.33 9.12
C SER B 109 17.29 0.94 8.31
N PHE B 110 17.24 -0.31 7.84
CA PHE B 110 16.06 -0.79 7.11
C PHE B 110 14.87 -0.96 8.05
N THR B 111 15.10 -1.43 9.28
CA THR B 111 14.02 -1.55 10.25
C THR B 111 13.35 -0.21 10.48
N HIS B 112 14.13 0.86 10.60
CA HIS B 112 13.58 2.18 10.84
C HIS B 112 12.93 2.78 9.59
N VAL B 113 13.35 2.37 8.39
CA VAL B 113 12.66 2.80 7.18
C VAL B 113 11.24 2.27 7.18
N VAL B 114 11.07 0.99 7.51
CA VAL B 114 9.74 0.39 7.56
C VAL B 114 8.90 1.06 8.64
N LYS B 115 9.49 1.30 9.82
CA LYS B 115 8.77 1.94 10.91
C LYS B 115 8.56 3.43 10.68
N SER B 116 9.17 4.02 9.65
CA SER B 116 8.94 5.42 9.36
C SER B 116 7.52 5.70 8.87
N ALA B 117 6.79 4.67 8.44
CA ALA B 117 5.40 4.81 8.04
C ALA B 117 4.46 4.80 9.23
N GLU B 118 4.98 4.72 10.45
CA GLU B 118 4.16 4.72 11.66
C GLU B 118 3.10 5.82 11.71
N PRO B 119 3.35 7.07 11.28
CA PRO B 119 2.29 8.08 11.37
C PRO B 119 1.03 7.73 10.59
N VAL B 120 1.14 6.98 9.50
CA VAL B 120 -0.06 6.55 8.78
C VAL B 120 -0.90 5.63 9.66
N PHE B 121 -0.26 4.62 10.26
CA PHE B 121 -0.96 3.76 11.21
C PHE B 121 -1.49 4.57 12.38
N GLY B 122 -0.76 5.61 12.78
CA GLY B 122 -1.21 6.42 13.90
C GLY B 122 -2.46 7.22 13.57
N ALA B 123 -2.49 7.83 12.38
CA ALA B 123 -3.65 8.62 12.00
C ALA B 123 -4.90 7.75 11.85
N VAL B 124 -4.75 6.56 11.26
CA VAL B 124 -5.88 5.66 11.06
C VAL B 124 -6.48 5.23 12.39
N GLY B 125 -5.65 4.68 13.28
CA GLY B 125 -6.16 4.25 14.57
C GLY B 125 -6.75 5.39 15.38
N SER B 126 -6.12 6.57 15.30
CA SER B 126 -6.63 7.75 16.00
C SER B 126 -7.96 8.19 15.39
N ALA B 127 -8.08 8.16 14.07
CA ALA B 127 -9.34 8.53 13.43
C ALA B 127 -10.41 7.47 13.66
N LEU B 128 -10.01 6.21 13.79
CA LEU B 128 -10.96 5.14 14.10
C LEU B 128 -11.65 5.41 15.43
N VAL B 129 -10.88 5.79 16.45
CA VAL B 129 -11.45 6.02 17.77
C VAL B 129 -12.21 7.33 17.81
N LEU B 130 -11.65 8.39 17.22
CA LEU B 130 -12.29 9.70 17.29
C LEU B 130 -13.45 9.86 16.32
N GLY B 131 -13.59 8.96 15.36
CA GLY B 131 -14.66 9.07 14.38
C GLY B 131 -14.43 10.10 13.29
N GLU B 132 -13.18 10.37 12.95
CA GLU B 132 -12.88 11.31 11.87
C GLU B 132 -12.92 10.59 10.52
N PHE B 133 -13.03 11.39 9.47
CA PHE B 133 -12.97 10.87 8.11
C PHE B 133 -11.75 11.42 7.40
N PHE B 134 -11.29 10.69 6.39
CA PHE B 134 -10.07 11.03 5.67
C PHE B 134 -10.38 11.71 4.34
N HIS B 135 -9.66 12.80 4.08
CA HIS B 135 -9.76 13.48 2.80
C HIS B 135 -9.14 12.60 1.70
N PRO B 136 -9.72 12.61 0.49
CA PRO B 136 -9.21 11.73 -0.57
C PRO B 136 -7.74 11.97 -0.93
N LEU B 137 -7.20 13.17 -0.69
CA LEU B 137 -5.81 13.43 -1.02
C LEU B 137 -4.85 12.54 -0.22
N THR B 138 -5.27 12.08 0.95
CA THR B 138 -4.36 11.27 1.76
C THR B 138 -4.08 9.92 1.10
N TYR B 139 -5.02 9.44 0.29
CA TYR B 139 -4.78 8.22 -0.48
C TYR B 139 -3.71 8.43 -1.54
N LEU B 140 -3.66 9.62 -2.16
CA LEU B 140 -2.63 9.90 -3.15
C LEU B 140 -1.24 9.88 -2.53
N THR B 141 -1.11 10.37 -1.29
CA THR B 141 0.20 10.37 -0.65
C THR B 141 0.66 8.96 -0.30
N LEU B 142 -0.26 7.99 -0.28
CA LEU B 142 0.14 6.60 -0.05
C LEU B 142 1.00 6.07 -1.19
N VAL B 143 0.82 6.60 -2.40
CA VAL B 143 1.59 6.11 -3.54
C VAL B 143 3.09 6.22 -3.31
N PRO B 144 3.66 7.38 -2.97
CA PRO B 144 5.11 7.40 -2.68
C PRO B 144 5.49 6.57 -1.46
N ILE B 145 4.58 6.38 -0.49
CA ILE B 145 4.92 5.58 0.68
C ILE B 145 5.07 4.12 0.30
N VAL B 146 4.06 3.56 -0.37
CA VAL B 146 4.12 2.17 -0.79
C VAL B 146 5.25 1.97 -1.80
N SER B 147 5.38 2.89 -2.76
CA SER B 147 6.42 2.76 -3.78
C SER B 147 7.81 2.88 -3.17
N GLY B 148 7.99 3.78 -2.21
CA GLY B 148 9.32 3.97 -1.64
C GLY B 148 9.74 2.81 -0.76
N VAL B 149 8.82 2.32 0.08
CA VAL B 149 9.13 1.19 0.93
C VAL B 149 9.40 -0.06 0.09
N ALA B 150 8.61 -0.24 -0.99
CA ALA B 150 8.83 -1.40 -1.86
C ALA B 150 10.18 -1.31 -2.56
N LEU B 151 10.51 -0.13 -3.10
CA LEU B 151 11.81 0.04 -3.76
C LEU B 151 12.95 -0.16 -2.76
N SER B 152 12.80 0.38 -1.55
CA SER B 152 13.81 0.19 -0.51
C SER B 152 13.99 -1.28 -0.17
N ALA B 153 12.89 -1.99 0.10
CA ALA B 153 12.96 -3.41 0.41
C ALA B 153 13.58 -4.19 -0.75
N ALA B 154 13.21 -3.86 -1.99
CA ALA B 154 13.70 -4.61 -3.14
C ALA B 154 15.19 -4.40 -3.39
N THR B 155 15.78 -3.35 -2.81
CA THR B 155 17.19 -3.06 -2.99
C THR B 155 17.99 -3.20 -1.70
N GLU B 156 17.34 -3.51 -0.58
CA GLU B 156 18.05 -3.66 0.69
C GLU B 156 18.88 -4.93 0.65
N LEU B 157 20.19 -4.79 0.88
CA LEU B 157 21.08 -5.94 0.82
C LEU B 157 20.72 -7.00 1.85
N THR B 158 20.27 -6.58 3.03
CA THR B 158 20.02 -7.52 4.12
C THR B 158 18.56 -7.95 4.22
N PHE B 159 17.77 -7.75 3.16
CA PHE B 159 16.33 -7.98 3.25
C PHE B 159 16.03 -9.44 3.59
N THR B 160 15.16 -9.63 4.58
CA THR B 160 14.46 -10.88 4.80
C THR B 160 12.98 -10.56 5.01
N TRP B 161 12.12 -11.50 4.61
CA TRP B 161 10.69 -11.28 4.78
C TRP B 161 10.33 -11.16 6.26
N THR B 162 10.94 -11.99 7.12
CA THR B 162 10.66 -11.91 8.54
C THR B 162 11.09 -10.58 9.13
N GLY B 163 12.27 -10.08 8.74
CA GLY B 163 12.73 -8.81 9.25
C GLY B 163 11.84 -7.65 8.81
N PHE B 164 11.28 -7.75 7.61
CA PHE B 164 10.39 -6.71 7.10
C PHE B 164 9.03 -6.76 7.78
N ILE B 165 8.49 -7.96 7.99
CA ILE B 165 7.14 -8.10 8.52
C ILE B 165 7.10 -7.77 10.02
N THR B 166 8.10 -8.23 10.78
CA THR B 166 8.12 -7.91 12.21
C THR B 166 8.22 -6.40 12.43
N ALA B 167 8.98 -5.70 11.57
CA ALA B 167 9.06 -4.25 11.69
C ALA B 167 7.72 -3.60 11.35
N MET B 168 7.03 -4.11 10.32
CA MET B 168 5.73 -3.56 9.95
C MET B 168 4.70 -3.82 11.03
N ILE B 169 4.73 -5.01 11.64
CA ILE B 169 3.81 -5.33 12.73
C ILE B 169 4.02 -4.37 13.90
N SER B 170 5.26 -3.94 14.13
CA SER B 170 5.54 -3.07 15.26
C SER B 170 4.86 -1.72 15.10
N ASN B 171 4.63 -1.28 13.85
CA ASN B 171 3.85 -0.07 13.62
C ASN B 171 2.47 -0.17 14.25
N VAL B 172 1.82 -1.33 14.12
CA VAL B 172 0.48 -1.50 14.66
C VAL B 172 0.51 -1.54 16.18
N ALA B 173 1.48 -2.30 16.74
CA ALA B 173 1.54 -2.48 18.18
C ALA B 173 1.84 -1.18 18.90
N PHE B 174 2.82 -0.42 18.41
CA PHE B 174 3.20 0.81 19.10
C PHE B 174 2.12 1.89 18.98
N VAL B 175 1.44 1.96 17.82
CA VAL B 175 0.31 2.86 17.67
C VAL B 175 -0.80 2.49 18.66
N THR B 176 -1.06 1.19 18.80
CA THR B 176 -2.00 0.74 19.82
C THR B 176 -1.55 1.16 21.21
N ARG B 177 -0.25 1.01 21.50
CA ARG B 177 0.29 1.40 22.79
C ARG B 177 0.10 2.89 23.03
N ASN B 178 0.44 3.71 22.04
CA ASN B 178 0.40 5.16 22.23
C ASN B 178 -1.03 5.65 22.45
N ILE B 179 -1.98 5.12 21.69
CA ILE B 179 -3.36 5.59 21.80
C ILE B 179 -3.98 5.17 23.13
N THR B 180 -3.82 3.90 23.50
CA THR B 180 -4.38 3.43 24.76
C THR B 180 -3.67 4.03 25.96
N SER B 181 -2.34 4.26 25.84
CA SER B 181 -1.63 4.97 26.89
C SER B 181 -2.15 6.39 27.04
N LYS B 182 -2.37 7.08 25.92
CA LYS B 182 -2.86 8.45 25.97
C LYS B 182 -4.23 8.52 26.64
N PHE B 183 -5.11 7.55 26.36
CA PHE B 183 -6.39 7.49 27.03
C PHE B 183 -6.22 7.30 28.53
N THR B 184 -5.32 6.41 28.94
CA THR B 184 -5.07 6.19 30.36
C THR B 184 -4.53 7.45 31.01
N MET B 185 -3.57 8.12 30.37
CA MET B 185 -2.99 9.32 30.95
C MET B 185 -4.03 10.44 31.06
N VAL B 186 -4.97 10.50 30.12
CA VAL B 186 -6.02 11.51 30.19
C VAL B 186 -7.04 11.17 31.27
N ASP B 187 -7.45 9.90 31.33
CA ASP B 187 -8.45 9.50 32.32
C ASP B 187 -7.92 9.62 33.75
N PHE B 188 -6.61 9.46 33.95
CA PHE B 188 -6.00 9.53 35.26
C PHE B 188 -5.24 10.83 35.48
N LYS B 189 -5.56 11.88 34.72
CA LYS B 189 -4.83 13.15 34.86
C LYS B 189 -4.95 13.72 36.26
N ASN B 190 -6.09 13.52 36.92
CA ASN B 190 -6.29 14.06 38.26
C ASN B 190 -5.63 13.21 39.35
N GLU B 191 -5.01 12.09 39.00
CA GLU B 191 -4.24 11.28 39.94
C GLU B 191 -2.82 11.84 39.95
N LYS B 192 -2.51 12.65 40.97
CA LYS B 192 -1.27 13.40 40.96
C LYS B 192 -0.03 12.50 40.99
N THR B 193 -0.13 11.31 41.58
CA THR B 193 1.05 10.45 41.65
C THR B 193 1.39 9.82 40.30
N LEU B 194 0.47 9.82 39.34
CA LEU B 194 0.71 9.19 38.05
C LEU B 194 1.31 10.20 37.09
N ILE B 195 2.59 10.52 37.31
CA ILE B 195 3.33 11.35 36.38
C ILE B 195 3.66 10.49 35.17
N ALA B 196 4.13 11.13 34.08
CA ALA B 196 4.37 10.40 32.84
C ALA B 196 5.36 9.26 33.05
N GLN B 197 6.42 9.49 33.83
CA GLN B 197 7.41 8.45 34.03
C GLN B 197 6.82 7.26 34.78
N ASN B 198 5.87 7.51 35.69
CA ASN B 198 5.25 6.41 36.43
C ASN B 198 4.32 5.61 35.55
N THR B 199 3.68 6.25 34.57
CA THR B 199 2.88 5.52 33.60
C THR B 199 3.75 4.53 32.82
N TYR B 200 4.88 5.00 32.29
CA TYR B 200 5.75 4.09 31.55
C TYR B 200 6.43 3.09 32.47
N ALA B 201 6.72 3.48 33.71
CA ALA B 201 7.31 2.54 34.66
C ALA B 201 6.41 1.33 34.86
N LEU B 202 5.11 1.56 35.06
CA LEU B 202 4.17 0.46 35.24
C LEU B 202 4.07 -0.37 33.96
N ILE B 203 4.15 0.28 32.80
CA ILE B 203 4.10 -0.46 31.53
C ILE B 203 5.30 -1.38 31.39
N THR B 204 6.50 -0.88 31.71
CA THR B 204 7.68 -1.72 31.53
C THR B 204 7.73 -2.86 32.54
N ILE B 205 7.07 -2.71 33.69
CA ILE B 205 6.99 -3.83 34.65
C ILE B 205 6.03 -4.89 34.13
N ILE B 206 4.83 -4.49 33.74
CA ILE B 206 3.85 -5.42 33.19
C ILE B 206 4.39 -6.06 31.92
N SER B 207 4.99 -5.25 31.04
CA SER B 207 5.51 -5.77 29.78
C SER B 207 6.60 -6.80 30.01
N PHE B 208 7.45 -6.56 31.01
CA PHE B 208 8.52 -7.51 31.31
C PHE B 208 7.96 -8.89 31.64
N PHE B 209 6.96 -8.95 32.52
CA PHE B 209 6.39 -10.24 32.86
C PHE B 209 5.51 -10.80 31.76
N MET B 210 5.02 -9.95 30.85
CA MET B 210 4.32 -10.45 29.68
C MET B 210 5.26 -11.17 28.73
N GLU B 211 6.46 -10.61 28.54
CA GLU B 211 7.38 -11.17 27.54
C GLU B 211 8.21 -12.30 28.10
N LEU B 212 8.50 -12.26 29.40
CA LEU B 212 9.41 -13.23 30.02
C LEU B 212 9.10 -14.68 29.70
N PRO B 213 7.85 -15.18 29.83
CA PRO B 213 7.62 -16.60 29.53
C PRO B 213 7.90 -16.96 28.08
N PHE B 214 7.47 -16.12 27.14
CA PHE B 214 7.70 -16.40 25.72
C PHE B 214 9.18 -16.39 25.39
N ALA B 215 9.94 -15.44 25.96
CA ALA B 215 11.37 -15.39 25.70
C ALA B 215 12.05 -16.68 26.16
N LEU B 216 11.67 -17.21 27.32
CA LEU B 216 12.24 -18.46 27.79
C LEU B 216 11.82 -19.62 26.89
N LEU B 217 10.57 -19.63 26.45
CA LEU B 217 10.13 -20.70 25.55
C LEU B 217 10.84 -20.62 24.20
N MET B 218 11.03 -19.41 23.68
CA MET B 218 11.62 -19.23 22.35
C MET B 218 13.11 -19.56 22.35
N GLU B 219 13.84 -19.10 23.36
CA GLU B 219 15.30 -19.15 23.31
C GLU B 219 15.94 -19.79 24.53
N GLY B 220 15.16 -20.18 25.54
CA GLY B 220 15.77 -20.78 26.72
C GLY B 220 16.67 -19.79 27.43
N PHE B 221 17.77 -20.31 28.00
CA PHE B 221 18.76 -19.51 28.70
C PHE B 221 20.01 -19.42 27.84
N PRO B 222 20.16 -18.38 27.02
CA PRO B 222 21.27 -18.33 26.07
C PRO B 222 22.61 -18.23 26.80
N PRO B 223 23.64 -18.91 26.31
CA PRO B 223 24.96 -18.78 26.91
C PRO B 223 25.50 -17.36 26.75
N LEU B 224 26.16 -16.87 27.80
CA LEU B 224 26.73 -15.52 27.80
C LEU B 224 28.11 -15.56 27.15
N VAL B 225 28.10 -15.85 25.85
CA VAL B 225 29.31 -15.97 25.05
C VAL B 225 29.16 -15.08 23.81
N SER B 226 30.16 -14.25 23.56
CA SER B 226 30.14 -13.39 22.38
C SER B 226 30.41 -14.21 21.12
N ALA B 227 29.62 -13.96 20.08
CA ALA B 227 29.89 -14.54 18.77
C ALA B 227 31.05 -13.85 18.07
N ILE B 228 31.43 -12.66 18.50
CA ILE B 228 32.56 -11.92 17.95
C ILE B 228 33.77 -12.18 18.84
N ALA B 229 34.91 -12.49 18.22
CA ALA B 229 36.11 -12.84 18.96
C ALA B 229 36.62 -11.64 19.77
N GLY B 230 37.29 -11.95 20.88
CA GLY B 230 37.93 -10.92 21.68
C GLY B 230 37.04 -10.21 22.68
N VAL B 231 35.82 -10.68 22.89
CA VAL B 231 34.89 -10.06 23.83
C VAL B 231 34.72 -11.00 25.01
N SER B 232 35.14 -10.55 26.19
CA SER B 232 34.96 -11.32 27.41
C SER B 232 33.49 -11.32 27.82
N LYS B 233 33.17 -12.20 28.77
CA LYS B 233 31.80 -12.21 29.30
C LYS B 233 31.47 -10.92 30.02
N ALA B 234 32.47 -10.28 30.65
CA ALA B 234 32.22 -9.02 31.35
C ALA B 234 31.92 -7.89 30.37
N LYS B 235 32.63 -7.86 29.23
CA LYS B 235 32.36 -6.85 28.22
C LYS B 235 31.00 -7.09 27.55
N LEU B 236 30.65 -8.35 27.30
CA LEU B 236 29.33 -8.67 26.76
C LEU B 236 28.24 -8.31 27.76
N PHE B 237 28.44 -8.67 29.03
CA PHE B 237 27.48 -8.28 30.07
C PHE B 237 27.34 -6.77 30.15
N GLY B 238 28.45 -6.04 30.13
CA GLY B 238 28.37 -4.59 30.18
C GLY B 238 27.66 -4.00 28.98
N SER B 239 27.83 -4.60 27.81
CA SER B 239 27.12 -4.13 26.62
C SER B 239 25.62 -4.37 26.74
N ILE B 240 25.22 -5.48 27.37
CA ILE B 240 23.80 -5.76 27.54
C ILE B 240 23.17 -4.77 28.51
N MET B 241 23.88 -4.45 29.60
CA MET B 241 23.36 -3.49 30.56
C MET B 241 23.32 -2.09 29.97
N PHE B 242 24.32 -1.73 29.17
CA PHE B 242 24.40 -0.39 28.60
C PHE B 242 23.22 -0.11 27.68
N CYS B 243 22.96 -0.99 26.71
CA CYS B 243 21.82 -0.76 25.83
C CYS B 243 20.49 -0.95 26.56
N SER B 244 20.47 -1.71 27.65
CA SER B 244 19.26 -1.82 28.45
C SER B 244 18.95 -0.51 29.17
N LEU B 245 19.98 0.17 29.66
CA LEU B 245 19.77 1.44 30.35
C LEU B 245 19.21 2.49 29.42
N PHE B 246 19.82 2.65 28.24
CA PHE B 246 19.35 3.68 27.32
C PHE B 246 18.07 3.29 26.58
N TYR B 247 17.79 1.99 26.46
CA TYR B 247 16.45 1.59 26.02
C TYR B 247 15.40 2.17 26.95
N HIS B 248 15.63 2.05 28.27
CA HIS B 248 14.64 2.54 29.21
C HIS B 248 14.61 4.06 29.24
N LEU B 249 15.78 4.70 29.19
CA LEU B 249 15.82 6.16 29.25
C LEU B 249 15.13 6.81 28.06
N TYR B 250 15.33 6.26 26.86
CA TYR B 250 14.68 6.90 25.70
C TYR B 250 13.17 6.70 25.76
N ASN B 251 12.72 5.52 26.18
CA ASN B 251 11.27 5.28 26.23
C ASN B 251 10.63 6.08 27.35
N GLU B 252 11.32 6.22 28.49
CA GLU B 252 10.77 6.97 29.60
C GLU B 252 10.61 8.45 29.23
N VAL B 253 11.65 9.04 28.63
CA VAL B 253 11.55 10.43 28.21
C VAL B 253 10.54 10.59 27.09
N SER B 254 10.36 9.55 26.27
CA SER B 254 9.37 9.64 25.20
C SER B 254 7.95 9.73 25.76
N TYR B 255 7.70 9.17 26.93
CA TYR B 255 6.37 9.27 27.52
C TYR B 255 6.08 10.65 28.09
N LEU B 256 7.12 11.41 28.45
CA LEU B 256 6.93 12.83 28.74
C LEU B 256 6.53 13.58 27.47
N CYS B 257 7.10 13.20 26.33
CA CYS B 257 6.67 13.78 25.06
C CYS B 257 5.23 13.41 24.75
N LEU B 258 4.89 12.12 24.89
CA LEU B 258 3.52 11.66 24.63
C LEU B 258 2.52 12.34 25.55
N ASP B 259 2.93 12.68 26.77
CA ASP B 259 2.01 13.34 27.69
C ASP B 259 1.65 14.74 27.21
N ASN B 260 2.46 15.34 26.34
CA ASN B 260 2.29 16.72 25.93
C ASN B 260 1.90 16.88 24.47
N VAL B 261 1.75 15.79 23.71
CA VAL B 261 1.33 15.85 22.32
C VAL B 261 0.30 14.77 22.06
N SER B 262 -0.34 14.87 20.90
CA SER B 262 -1.29 13.86 20.47
C SER B 262 -0.56 12.60 20.01
N PRO B 263 -1.23 11.45 20.03
CA PRO B 263 -0.59 10.22 19.54
C PRO B 263 -0.09 10.32 18.10
N VAL B 264 -0.77 11.10 17.25
CA VAL B 264 -0.31 11.29 15.87
C VAL B 264 0.95 12.14 15.86
N SER B 265 0.96 13.24 16.63
CA SER B 265 2.15 14.07 16.72
C SER B 265 3.34 13.28 17.27
N PHE B 266 3.08 12.36 18.20
CA PHE B 266 4.13 11.50 18.72
C PHE B 266 4.75 10.67 17.61
N SER B 267 3.91 10.01 16.79
CA SER B 267 4.42 9.19 15.69
C SER B 267 5.16 10.01 14.65
N ILE B 268 4.67 11.23 14.37
CA ILE B 268 5.41 12.13 13.48
C ILE B 268 6.76 12.45 14.08
N GLY B 269 6.82 12.65 15.39
CA GLY B 269 8.11 12.82 16.05
C GLY B 269 8.99 11.59 15.93
N ASN B 270 8.38 10.40 15.85
CA ASN B 270 9.17 9.17 15.72
C ASN B 270 9.83 9.08 14.35
N THR B 271 9.13 9.54 13.30
CA THR B 271 9.70 9.50 11.95
C THR B 271 10.88 10.45 11.83
N ILE B 272 10.79 11.64 12.42
CA ILE B 272 11.93 12.55 12.46
C ILE B 272 13.10 11.88 13.18
N LYS B 273 12.83 11.23 14.30
CA LYS B 273 13.87 10.48 15.00
C LYS B 273 14.51 9.44 14.09
N ARG B 274 13.71 8.74 13.29
CA ARG B 274 14.24 7.65 12.49
C ARG B 274 15.14 8.15 11.37
N VAL B 275 14.92 9.37 10.88
CA VAL B 275 15.87 9.95 9.93
C VAL B 275 17.24 10.09 10.58
N ILE B 276 17.28 10.53 11.84
CA ILE B 276 18.54 10.66 12.56
C ILE B 276 19.16 9.29 12.80
N ILE B 277 18.35 8.31 13.20
CA ILE B 277 18.86 6.97 13.47
C ILE B 277 19.39 6.33 12.20
N ILE B 278 18.69 6.53 11.08
CA ILE B 278 19.12 5.92 9.83
C ILE B 278 20.46 6.51 9.39
N PHE B 279 20.58 7.84 9.40
CA PHE B 279 21.83 8.48 9.03
C PHE B 279 22.97 8.01 9.92
N GLY B 280 22.75 7.98 11.24
CA GLY B 280 23.82 7.63 12.15
C GLY B 280 24.21 6.16 12.06
N SER B 281 23.24 5.27 11.92
CA SER B 281 23.54 3.84 11.93
C SER B 281 24.26 3.42 10.65
N ILE B 282 23.94 4.02 9.50
CA ILE B 282 24.67 3.64 8.28
C ILE B 282 26.11 4.13 8.35
N LEU B 283 26.35 5.25 9.02
CA LEU B 283 27.72 5.73 9.17
C LEU B 283 28.51 4.86 10.14
N VAL B 284 27.92 4.58 11.31
CA VAL B 284 28.61 3.79 12.32
C VAL B 284 28.90 2.37 11.81
N PHE B 285 27.92 1.76 11.16
CA PHE B 285 28.07 0.37 10.72
C PHE B 285 28.55 0.25 9.28
N ARG B 286 28.80 1.37 8.60
CA ARG B 286 29.23 1.37 7.20
C ARG B 286 28.30 0.50 6.35
N THR B 287 27.01 0.74 6.52
CA THR B 287 26.00 -0.04 5.81
C THR B 287 26.08 0.26 4.32
N PRO B 288 26.19 -0.76 3.46
CA PRO B 288 26.15 -0.51 2.01
C PRO B 288 24.79 -0.01 1.59
N VAL B 289 24.78 1.13 0.88
CA VAL B 289 23.55 1.76 0.42
C VAL B 289 23.71 2.12 -1.06
N THR B 290 22.90 1.51 -1.91
CA THR B 290 22.92 1.82 -3.33
C THR B 290 22.07 3.07 -3.60
N ARG B 291 22.23 3.61 -4.82
CA ARG B 291 21.46 4.78 -5.22
C ARG B 291 19.96 4.52 -5.13
N LEU B 292 19.50 3.42 -5.73
CA LEU B 292 18.08 3.12 -5.72
C LEU B 292 17.55 2.93 -4.30
N ASN B 293 18.39 2.40 -3.41
CA ASN B 293 17.93 2.16 -2.05
C ASN B 293 17.78 3.46 -1.27
N PHE B 294 18.76 4.37 -1.39
CA PHE B 294 18.62 5.68 -0.78
C PHE B 294 17.41 6.41 -1.35
N ILE B 295 17.17 6.27 -2.65
CA ILE B 295 16.07 6.98 -3.29
C ILE B 295 14.72 6.43 -2.82
N GLY B 296 14.60 5.10 -2.79
CA GLY B 296 13.37 4.51 -2.27
C GLY B 296 13.08 4.89 -0.83
N SER B 297 14.10 4.84 0.03
CA SER B 297 13.90 5.17 1.43
C SER B 297 13.54 6.64 1.61
N THR B 298 14.15 7.53 0.81
CA THR B 298 13.83 8.94 0.92
C THR B 298 12.41 9.23 0.47
N ILE B 299 11.98 8.60 -0.63
CA ILE B 299 10.64 8.82 -1.14
C ILE B 299 9.59 8.28 -0.16
N ALA B 300 9.88 7.14 0.47
CA ALA B 300 8.95 6.60 1.46
C ALA B 300 8.76 7.56 2.64
N ILE B 301 9.85 8.17 3.10
CA ILE B 301 9.74 9.06 4.25
C ILE B 301 9.17 10.42 3.84
N ILE B 302 9.49 10.89 2.62
CA ILE B 302 8.85 12.10 2.10
C ILE B 302 7.34 11.90 2.01
N GLY B 303 6.91 10.73 1.56
CA GLY B 303 5.47 10.48 1.44
C GLY B 303 4.77 10.48 2.78
N THR B 304 5.44 9.99 3.83
CA THR B 304 4.84 9.98 5.16
C THR B 304 4.64 11.41 5.68
N MET B 305 5.60 12.28 5.44
CA MET B 305 5.45 13.67 5.86
C MET B 305 4.38 14.37 5.03
N LEU B 306 4.29 14.04 3.74
CA LEU B 306 3.23 14.60 2.91
C LEU B 306 1.86 14.08 3.36
N TYR B 307 1.79 12.79 3.69
CA TYR B 307 0.55 12.23 4.24
C TYR B 307 0.14 12.97 5.51
N SER B 308 1.09 13.22 6.41
CA SER B 308 0.76 13.93 7.64
C SER B 308 0.34 15.37 7.35
N LEU B 309 0.97 16.00 6.36
CA LEU B 309 0.60 17.36 5.98
C LEU B 309 -0.82 17.39 5.42
N ALA B 310 -1.13 16.48 4.48
CA ALA B 310 -2.46 16.43 3.90
C ALA B 310 -3.52 16.13 4.96
N LYS B 311 -3.20 15.25 5.90
CA LYS B 311 -4.15 14.90 6.95
C LYS B 311 -4.39 16.08 7.89
N ALA B 312 -3.34 16.81 8.23
CA ALA B 312 -3.48 17.94 9.14
C ALA B 312 -4.11 19.15 8.44
N LYS B 313 -3.71 19.42 7.20
CA LYS B 313 -4.14 20.64 6.51
C LYS B 313 -5.51 20.52 5.85
N LEU B 314 -6.10 19.32 5.85
CA LEU B 314 -7.41 19.09 5.23
C LEU B 314 -8.30 18.34 6.21
N PRO B 315 -9.53 18.83 6.46
CA PRO B 315 -10.51 18.35 7.45
C PRO B 315 -10.60 16.84 7.58
#